data_3LIF
#
_entry.id   3LIF
#
_cell.length_a   184.780
_cell.length_b   184.780
_cell.length_c   184.780
_cell.angle_alpha   90.000
_cell.angle_beta   90.000
_cell.angle_gamma   90.000
#
_symmetry.space_group_name_H-M   'P 43 3 2'
#
loop_
_entity.id
_entity.type
_entity.pdbx_description
1 polymer 'Putative diguanylate cyclase (GGDEF) with PAS/PAC domain'
2 non-polymer (4S)-2-METHYL-2,4-PENTANEDIOL
3 non-polymer 'CITRIC ACID'
4 water water
#
_entity_poly.entity_id   1
_entity_poly.type   'polypeptide(L)'
_entity_poly.pdbx_seq_one_letter_code
;KGYDSHKIALAQSETE(MSE)RNLSHSLAEHATHTFQGADVVLDDIVSF(MSE)KWRPHPSPVFNERLRALADNLPQLSD
VAILDADGQLTYASVKPVPALDNSDRSYFRYHRANDDHTLLITGPIQSRTSGVWVFVVSRRLETTDGKFFGVVVATIESE
YFSTFYKTFDLGPGGSISLLHSDGRLLIQWPSLQTGRD(MSE)AN(MSE)VLFQKALPRSPDGYYLTVSPFDGLTKYLAY
RRVSRYPLVVTVARTEDSVLSGWREAVRSD
;
_entity_poly.pdbx_strand_id   A,B
#
loop_
_chem_comp.id
_chem_comp.type
_chem_comp.name
_chem_comp.formula
CIT non-polymer 'CITRIC ACID' 'C6 H8 O7'
MPD non-polymer (4S)-2-METHYL-2,4-PENTANEDIOL 'C6 H14 O2'
#
# COMPACT_ATOMS: atom_id res chain seq x y z
N ASP A 4 34.93 -4.27 -45.72
CA ASP A 4 33.65 -4.97 -45.42
C ASP A 4 32.51 -4.01 -45.32
N SER A 5 31.45 -4.35 -46.04
CA SER A 5 30.16 -3.74 -45.84
C SER A 5 29.75 -4.00 -44.43
N HIS A 6 29.93 -5.24 -43.97
CA HIS A 6 29.46 -5.63 -42.65
C HIS A 6 30.15 -4.75 -41.59
N LYS A 7 31.27 -4.10 -41.96
CA LYS A 7 32.05 -3.29 -41.00
C LYS A 7 31.50 -1.91 -40.91
N ILE A 8 31.24 -1.30 -42.06
CA ILE A 8 30.63 0.02 -42.07
C ILE A 8 29.30 -0.01 -41.33
N ALA A 9 28.56 -1.11 -41.48
CA ALA A 9 27.22 -1.11 -40.99
C ALA A 9 27.28 -1.34 -39.49
N LEU A 10 28.30 -2.06 -39.04
CA LEU A 10 28.46 -2.30 -37.63
C LEU A 10 28.88 -0.98 -36.97
N ALA A 11 29.68 -0.19 -37.66
CA ALA A 11 30.12 1.06 -37.07
C ALA A 11 29.00 2.04 -36.88
N GLN A 12 28.02 2.06 -37.78
CA GLN A 12 26.95 3.01 -37.65
C GLN A 12 25.98 2.46 -36.65
N SER A 13 25.94 1.16 -36.54
CA SER A 13 25.04 0.63 -35.58
C SER A 13 25.59 1.00 -34.16
N GLU A 14 26.89 0.76 -33.93
CA GLU A 14 27.53 1.16 -32.69
C GLU A 14 27.25 2.65 -32.48
N THR A 15 27.44 3.47 -33.50
CA THR A 15 27.09 4.83 -33.28
C THR A 15 25.60 5.00 -32.87
N GLU A 16 24.67 4.23 -33.41
CA GLU A 16 23.30 4.58 -33.08
C GLU A 16 23.02 4.17 -31.66
N MSE A 17 23.59 3.02 -31.28
CA MSE A 17 23.47 2.48 -29.96
C MSE A 17 24.07 3.47 -29.00
O MSE A 17 23.41 3.84 -28.03
CB MSE A 17 24.18 1.15 -29.84
CG MSE A 17 23.72 0.08 -30.80
SE MSE A 17 21.97 -0.51 -30.31
CE MSE A 17 22.65 -2.17 -29.47
N ARG A 18 25.28 3.95 -29.24
CA ARG A 18 25.88 4.88 -28.29
C ARG A 18 24.98 6.11 -28.14
N ASN A 19 24.38 6.61 -29.20
CA ASN A 19 23.53 7.81 -29.01
C ASN A 19 22.31 7.42 -28.29
N LEU A 20 21.77 6.27 -28.61
CA LEU A 20 20.53 5.87 -28.00
C LEU A 20 20.64 5.78 -26.43
N SER A 21 21.72 5.13 -25.97
CA SER A 21 22.11 5.12 -24.59
C SER A 21 22.15 6.56 -24.02
N HIS A 22 22.70 7.48 -24.77
CA HIS A 22 22.68 8.86 -24.32
C HIS A 22 21.25 9.38 -24.15
N SER A 23 20.38 9.12 -25.11
CA SER A 23 19.01 9.55 -24.92
C SER A 23 18.32 8.88 -23.72
N LEU A 24 18.47 7.57 -23.60
CA LEU A 24 17.89 6.84 -22.49
C LEU A 24 18.42 7.39 -21.15
N ALA A 25 19.70 7.72 -21.05
CA ALA A 25 20.27 8.21 -19.80
C ALA A 25 19.63 9.55 -19.41
N GLU A 26 19.44 10.40 -20.39
CA GLU A 26 18.80 11.68 -20.13
C GLU A 26 17.37 11.57 -19.76
N HIS A 27 16.68 10.71 -20.46
CA HIS A 27 15.33 10.49 -20.06
C HIS A 27 15.27 10.12 -18.55
N ALA A 28 16.26 9.32 -18.07
CA ALA A 28 16.22 8.89 -16.69
C ALA A 28 16.48 10.14 -15.90
N THR A 29 17.57 10.81 -16.23
CA THR A 29 17.86 12.02 -15.50
C THR A 29 16.64 12.94 -15.43
N HIS A 30 16.01 13.20 -16.54
CA HIS A 30 14.91 14.15 -16.54
CA HIS A 30 14.90 14.14 -16.56
C HIS A 30 13.75 13.61 -15.70
N THR A 31 13.48 12.31 -15.80
CA THR A 31 12.34 11.72 -15.06
C THR A 31 12.55 11.79 -13.53
N PHE A 32 13.71 11.35 -13.06
CA PHE A 32 13.98 11.53 -11.64
C PHE A 32 13.99 12.98 -11.20
N GLN A 33 14.54 13.88 -12.03
CA GLN A 33 14.61 15.28 -11.72
C GLN A 33 13.18 15.75 -11.52
N GLY A 34 12.31 15.34 -12.42
CA GLY A 34 10.94 15.75 -12.31
C GLY A 34 10.40 15.42 -10.94
N ALA A 35 10.73 14.22 -10.45
CA ALA A 35 10.21 13.69 -9.23
C ALA A 35 10.88 14.42 -8.10
N ASP A 36 12.18 14.67 -8.22
CA ASP A 36 12.87 15.40 -7.19
C ASP A 36 12.18 16.73 -6.95
N VAL A 37 11.94 17.46 -8.02
CA VAL A 37 11.31 18.74 -7.90
C VAL A 37 9.99 18.58 -7.11
N VAL A 38 9.18 17.59 -7.47
CA VAL A 38 7.92 17.49 -6.76
C VAL A 38 8.09 17.19 -5.25
N LEU A 39 9.01 16.28 -4.91
CA LEU A 39 9.12 15.90 -3.52
C LEU A 39 9.53 17.17 -2.83
N ASP A 40 10.41 17.90 -3.49
CA ASP A 40 10.83 19.19 -2.94
C ASP A 40 9.68 20.21 -2.67
N ASP A 41 8.74 20.34 -3.60
CA ASP A 41 7.57 21.16 -3.26
C ASP A 41 7.09 20.63 -1.91
N ILE A 42 7.13 19.32 -1.69
CA ILE A 42 6.51 18.81 -0.50
C ILE A 42 7.40 19.06 0.72
N VAL A 43 8.71 18.90 0.61
CA VAL A 43 9.50 19.23 1.73
C VAL A 43 9.04 20.58 2.22
N SER A 44 8.78 21.50 1.29
CA SER A 44 8.48 22.90 1.66
C SER A 44 7.11 23.06 2.25
N PHE A 45 6.09 22.57 1.58
CA PHE A 45 4.81 22.62 2.22
C PHE A 45 4.94 22.17 3.71
N MSE A 46 5.07 20.86 4.00
CA MSE A 46 5.41 20.36 5.34
C MSE A 46 6.17 21.38 6.23
O MSE A 46 5.70 21.66 7.32
CB MSE A 46 6.24 19.07 5.31
CG MSE A 46 5.60 17.86 4.71
SE MSE A 46 3.72 17.78 4.93
CE MSE A 46 3.65 17.27 6.81
N LYS A 47 7.31 21.93 5.76
CA LYS A 47 8.08 22.92 6.54
C LYS A 47 7.19 24.03 7.11
N TRP A 48 6.44 24.77 6.28
CA TRP A 48 5.48 25.58 6.98
C TRP A 48 4.02 25.13 6.99
N ARG A 49 3.81 23.82 7.09
CA ARG A 49 2.47 23.40 7.36
C ARG A 49 2.15 22.09 8.09
N PRO A 50 2.76 21.90 9.29
CA PRO A 50 3.71 20.84 9.44
C PRO A 50 2.66 19.81 9.86
N HIS A 51 1.39 20.28 9.86
CA HIS A 51 0.21 19.44 10.18
C HIS A 51 -1.07 19.70 9.36
N PRO A 52 -1.02 19.62 8.01
CA PRO A 52 -2.21 19.94 7.20
C PRO A 52 -3.47 19.14 7.57
N SER A 53 -4.59 19.39 6.89
CA SER A 53 -5.81 18.69 7.26
C SER A 53 -6.07 17.55 6.28
N PRO A 54 -7.02 16.64 6.61
CA PRO A 54 -7.33 15.51 5.69
C PRO A 54 -7.54 15.95 4.25
N VAL A 55 -7.48 17.26 3.98
CA VAL A 55 -7.65 17.71 2.61
C VAL A 55 -6.42 17.38 1.75
N PHE A 56 -5.25 17.63 2.35
CA PHE A 56 -3.94 17.23 1.85
C PHE A 56 -3.88 15.82 1.23
N ASN A 57 -4.57 14.87 1.81
CA ASN A 57 -4.62 13.60 1.13
C ASN A 57 -5.12 13.71 -0.30
N GLU A 58 -6.13 14.54 -0.54
CA GLU A 58 -6.61 14.83 -1.90
C GLU A 58 -5.54 15.52 -2.70
N ARG A 59 -4.87 16.49 -2.09
CA ARG A 59 -3.82 17.20 -2.78
C ARG A 59 -2.81 16.16 -3.29
N LEU A 60 -2.36 15.26 -2.39
CA LEU A 60 -1.43 14.18 -2.76
C LEU A 60 -1.98 13.28 -3.85
N ARG A 61 -3.26 12.97 -3.77
CA ARG A 61 -3.81 12.13 -4.79
C ARG A 61 -3.85 12.87 -6.13
N ALA A 62 -3.91 14.19 -6.08
CA ALA A 62 -4.01 14.97 -7.30
C ALA A 62 -2.64 14.94 -7.93
N LEU A 63 -1.68 15.34 -7.11
CA LEU A 63 -0.29 15.37 -7.40
C LEU A 63 0.19 14.04 -8.00
N ALA A 64 -0.14 12.93 -7.36
CA ALA A 64 0.26 11.66 -7.90
C ALA A 64 -0.34 11.45 -9.29
N ASP A 65 -1.65 11.59 -9.44
CA ASP A 65 -2.29 11.34 -10.74
C ASP A 65 -1.75 12.22 -11.86
N ASN A 66 -0.95 13.21 -11.48
CA ASN A 66 -0.38 14.16 -12.39
C ASN A 66 1.09 13.94 -12.74
N LEU A 67 1.73 13.10 -11.93
CA LEU A 67 3.04 12.67 -12.25
C LEU A 67 2.88 11.26 -12.82
N PRO A 68 3.20 11.09 -14.12
CA PRO A 68 3.06 9.75 -14.68
C PRO A 68 4.14 8.83 -14.16
N GLN A 69 5.25 9.36 -13.66
CA GLN A 69 6.30 8.47 -13.16
C GLN A 69 6.21 8.01 -11.66
N LEU A 70 5.25 8.56 -10.92
CA LEU A 70 5.09 8.26 -9.51
C LEU A 70 3.76 7.62 -9.36
N SER A 71 3.68 6.43 -8.79
CA SER A 71 2.37 5.81 -8.62
C SER A 71 1.62 6.47 -7.49
N ASP A 72 2.30 6.83 -6.42
CA ASP A 72 1.66 7.32 -5.23
C ASP A 72 2.68 8.01 -4.35
N VAL A 73 2.20 8.73 -3.33
CA VAL A 73 3.08 9.55 -2.47
C VAL A 73 2.63 9.47 -1.00
N ALA A 74 3.58 9.44 -0.09
CA ALA A 74 3.10 9.39 1.25
C ALA A 74 4.04 10.15 2.16
N ILE A 75 3.48 10.54 3.33
CA ILE A 75 4.20 11.15 4.38
C ILE A 75 4.31 10.24 5.62
N LEU A 76 5.48 10.24 6.22
CA LEU A 76 5.75 9.62 7.49
C LEU A 76 6.30 10.69 8.41
N ASP A 77 5.83 10.70 9.67
CA ASP A 77 6.39 11.65 10.66
C ASP A 77 7.55 11.02 11.34
N ALA A 78 8.00 11.54 12.45
CA ALA A 78 9.37 11.83 12.64
C ALA A 78 9.61 10.44 13.37
N ASP A 79 8.49 9.78 13.72
CA ASP A 79 8.47 8.44 14.34
C ASP A 79 8.21 7.35 13.31
N GLY A 80 8.11 7.70 12.05
CA GLY A 80 8.02 6.66 11.05
C GLY A 80 6.58 6.24 10.82
N GLN A 81 5.63 6.99 11.37
CA GLN A 81 4.22 6.61 11.27
C GLN A 81 3.55 7.28 10.07
N LEU A 82 2.82 6.51 9.27
CA LEU A 82 2.32 7.10 8.05
C LEU A 82 1.19 8.04 8.41
N THR A 83 1.35 9.32 8.13
CA THR A 83 0.30 10.28 8.39
C THR A 83 -0.58 10.77 7.22
N TYR A 84 -0.06 10.83 6.01
CA TYR A 84 -0.86 11.21 4.83
C TYR A 84 -0.43 10.35 3.65
N ALA A 85 -1.31 10.29 2.64
CA ALA A 85 -1.07 9.51 1.44
C ALA A 85 -2.05 9.79 0.29
N SER A 86 -1.60 9.57 -0.94
CA SER A 86 -2.50 9.73 -2.07
C SER A 86 -3.36 8.53 -2.16
N VAL A 87 -3.20 7.57 -1.28
CA VAL A 87 -4.09 6.44 -1.39
C VAL A 87 -5.25 6.60 -0.41
N LYS A 88 -6.26 5.77 -0.58
CA LYS A 88 -7.27 5.72 0.44
C LYS A 88 -7.98 4.43 0.32
N PRO A 89 -8.36 3.85 1.43
CA PRO A 89 -8.07 4.45 2.71
C PRO A 89 -6.56 4.63 2.93
N VAL A 90 -6.21 5.38 3.97
CA VAL A 90 -4.85 5.73 4.23
C VAL A 90 -4.29 4.77 5.24
N PRO A 91 -3.30 3.98 4.85
CA PRO A 91 -2.85 2.99 5.82
C PRO A 91 -1.91 3.59 6.82
N ALA A 92 -2.44 4.15 7.91
CA ALA A 92 -1.62 4.84 8.90
C ALA A 92 -0.83 3.90 9.80
N LEU A 93 -0.06 3.02 9.17
CA LEU A 93 0.77 2.09 9.91
C LEU A 93 2.15 2.64 10.29
N ASP A 94 2.84 1.88 11.09
CA ASP A 94 4.17 2.23 11.53
C ASP A 94 5.22 1.67 10.55
N ASN A 95 6.03 2.53 9.93
CA ASN A 95 7.02 2.08 8.93
C ASN A 95 8.46 2.44 9.28
N SER A 96 8.66 2.78 10.56
CA SER A 96 9.99 3.10 11.08
C SER A 96 10.99 1.97 10.92
N ASP A 97 10.54 0.83 10.44
CA ASP A 97 11.51 -0.20 10.20
C ASP A 97 12.20 0.01 8.82
N ARG A 98 11.61 0.86 8.00
CA ARG A 98 11.93 0.93 6.60
C ARG A 98 13.27 1.66 6.43
N SER A 99 14.16 1.15 5.57
CA SER A 99 15.54 1.71 5.52
C SER A 99 15.60 3.17 5.10
N TYR A 100 14.77 3.51 4.13
CA TYR A 100 14.78 4.89 3.72
C TYR A 100 14.40 5.80 4.86
N PHE A 101 13.50 5.32 5.74
CA PHE A 101 13.13 6.12 6.89
C PHE A 101 14.30 6.23 7.80
N ARG A 102 14.87 5.08 8.17
CA ARG A 102 16.08 5.14 8.97
C ARG A 102 17.15 6.04 8.33
N TYR A 103 17.32 6.00 7.02
CA TYR A 103 18.39 6.77 6.45
C TYR A 103 18.15 8.29 6.60
N HIS A 104 16.94 8.76 6.33
CA HIS A 104 16.73 10.17 6.49
C HIS A 104 16.78 10.67 7.90
N ARG A 105 16.45 9.80 8.87
CA ARG A 105 16.48 10.24 10.24
C ARG A 105 17.93 10.38 10.69
N ALA A 106 18.82 9.61 10.09
CA ALA A 106 20.18 9.66 10.48
C ALA A 106 21.02 10.73 9.75
N ASN A 107 20.66 11.13 8.53
CA ASN A 107 21.50 12.04 7.72
C ASN A 107 20.77 13.26 7.25
N ASP A 108 21.37 14.42 7.52
CA ASP A 108 20.78 15.71 7.09
C ASP A 108 21.31 16.02 5.71
N ASP A 109 20.58 15.57 4.68
CA ASP A 109 20.91 15.90 3.30
C ASP A 109 19.69 15.90 2.36
N HIS A 110 19.89 16.43 1.16
CA HIS A 110 18.77 16.65 0.28
C HIS A 110 18.65 15.69 -0.89
N THR A 111 19.40 14.59 -0.89
CA THR A 111 19.33 13.64 -1.98
C THR A 111 17.98 12.97 -2.13
N LEU A 112 17.39 12.93 -3.33
CA LEU A 112 16.30 12.01 -3.60
C LEU A 112 16.93 10.66 -3.27
N LEU A 113 16.36 9.82 -2.42
CA LEU A 113 17.03 8.55 -2.12
C LEU A 113 16.28 7.52 -2.89
N ILE A 114 17.03 6.62 -3.53
CA ILE A 114 16.34 5.56 -4.29
C ILE A 114 16.50 4.26 -3.57
N THR A 115 15.40 3.59 -3.30
CA THR A 115 15.45 2.45 -2.41
C THR A 115 14.63 1.35 -3.05
N GLY A 116 15.10 0.12 -2.97
CA GLY A 116 14.38 -1.01 -3.62
C GLY A 116 15.25 -2.23 -3.81
N PRO A 117 14.63 -3.37 -4.10
CA PRO A 117 13.18 -3.43 -4.25
C PRO A 117 12.52 -3.70 -2.89
N ILE A 118 11.35 -3.13 -2.63
CA ILE A 118 10.62 -3.44 -1.41
C ILE A 118 9.16 -3.69 -1.75
N GLN A 119 8.50 -4.34 -0.82
CA GLN A 119 7.13 -4.68 -1.07
C GLN A 119 6.26 -3.55 -0.52
N SER A 120 5.65 -2.78 -1.43
CA SER A 120 5.05 -1.53 -1.06
C SER A 120 4.05 -1.73 0.05
N ARG A 121 4.25 -1.04 1.17
CA ARG A 121 3.24 -0.98 2.24
C ARG A 121 1.96 -0.23 1.87
N THR A 122 1.76 0.19 0.60
CA THR A 122 0.44 0.75 0.26
C THR A 122 -0.23 -0.06 -0.78
N SER A 123 0.53 -0.76 -1.59
CA SER A 123 -0.12 -1.50 -2.68
C SER A 123 0.25 -2.98 -2.78
N GLY A 124 1.14 -3.48 -1.93
CA GLY A 124 1.50 -4.89 -2.02
C GLY A 124 2.43 -5.29 -3.19
N VAL A 125 2.53 -4.45 -4.24
CA VAL A 125 3.48 -4.63 -5.35
C VAL A 125 4.95 -4.37 -5.03
N TRP A 126 5.85 -5.17 -5.62
CA TRP A 126 7.30 -5.04 -5.39
C TRP A 126 7.81 -3.94 -6.26
N VAL A 127 8.35 -2.89 -5.65
CA VAL A 127 8.62 -1.68 -6.39
C VAL A 127 9.89 -1.07 -5.92
N PHE A 128 10.34 -0.08 -6.66
CA PHE A 128 11.35 0.84 -6.16
C PHE A 128 10.68 2.16 -5.79
N VAL A 129 11.39 2.93 -4.98
CA VAL A 129 10.78 4.03 -4.33
C VAL A 129 11.83 5.11 -4.19
N VAL A 130 11.36 6.33 -4.04
CA VAL A 130 12.23 7.50 -4.06
C VAL A 130 11.77 8.34 -2.84
N SER A 131 12.70 9.03 -2.16
CA SER A 131 12.30 9.66 -0.91
C SER A 131 13.17 10.84 -0.48
N ARG A 132 12.56 11.74 0.31
CA ARG A 132 13.27 12.94 0.80
C ARG A 132 13.04 13.20 2.29
N ARG A 133 14.08 13.61 2.99
CA ARG A 133 13.96 14.02 4.39
C ARG A 133 13.09 15.26 4.64
N LEU A 134 12.03 15.16 5.46
CA LEU A 134 11.25 16.34 5.96
C LEU A 134 11.92 17.06 7.12
N GLU A 135 11.72 18.37 7.21
CA GLU A 135 12.40 19.16 8.23
C GLU A 135 11.45 20.24 8.73
N THR A 136 11.70 20.67 9.98
CA THR A 136 11.00 21.84 10.52
C THR A 136 11.90 23.07 10.33
N THR A 137 11.28 24.25 10.40
CA THR A 137 12.02 25.48 10.18
C THR A 137 13.39 25.50 10.87
N ASP A 138 13.53 24.80 12.00
CA ASP A 138 14.87 24.71 12.66
C ASP A 138 15.77 23.70 11.96
N GLY A 139 15.14 22.99 11.01
CA GLY A 139 15.78 21.91 10.26
C GLY A 139 16.21 20.70 11.08
N LYS A 140 15.47 20.38 12.13
CA LYS A 140 15.61 19.09 12.75
C LYS A 140 14.66 18.19 11.96
N PHE A 141 14.91 16.88 12.08
CA PHE A 141 14.17 15.85 11.35
C PHE A 141 12.67 15.86 11.65
N PHE A 142 11.84 15.80 10.62
CA PHE A 142 10.40 15.83 10.83
C PHE A 142 9.66 14.66 10.13
N GLY A 143 10.39 13.68 9.58
CA GLY A 143 9.80 12.48 8.82
C GLY A 143 10.32 12.64 7.41
N VAL A 144 9.51 12.45 6.38
CA VAL A 144 9.81 11.57 5.23
C VAL A 144 8.68 11.72 4.23
N VAL A 145 9.00 12.12 2.98
CA VAL A 145 8.05 11.89 1.84
C VAL A 145 8.67 10.78 1.05
N VAL A 146 7.86 9.84 0.58
CA VAL A 146 8.34 8.70 -0.19
C VAL A 146 7.37 8.68 -1.33
N ALA A 147 7.84 8.31 -2.52
CA ALA A 147 6.89 8.04 -3.59
C ALA A 147 7.37 6.86 -4.39
N THR A 148 6.42 6.10 -4.91
CA THR A 148 6.75 4.89 -5.62
C THR A 148 7.04 5.17 -7.10
N ILE A 149 8.16 4.66 -7.57
CA ILE A 149 8.48 4.92 -8.96
C ILE A 149 7.54 4.10 -9.80
N GLU A 150 6.85 4.71 -10.77
CA GLU A 150 5.96 3.91 -11.66
C GLU A 150 6.79 3.19 -12.74
N SER A 151 7.05 1.92 -12.58
CA SER A 151 7.97 1.34 -13.53
C SER A 151 7.40 1.28 -14.98
N GLU A 152 6.09 1.15 -15.10
CA GLU A 152 5.39 1.18 -16.40
C GLU A 152 5.72 2.48 -17.19
N TYR A 153 5.94 3.55 -16.50
CA TYR A 153 6.31 4.70 -17.23
C TYR A 153 7.55 4.44 -18.05
N PHE A 154 8.54 3.74 -17.49
CA PHE A 154 9.77 3.53 -18.23
C PHE A 154 9.59 2.45 -19.33
N SER A 155 8.94 1.35 -18.98
CA SER A 155 8.86 0.31 -19.97
C SER A 155 8.07 0.79 -21.19
N THR A 156 7.14 1.70 -20.98
CA THR A 156 6.28 2.16 -22.06
C THR A 156 7.08 3.05 -22.99
N PHE A 157 7.90 3.89 -22.42
CA PHE A 157 8.81 4.65 -23.21
C PHE A 157 9.74 3.67 -23.93
N TYR A 158 10.15 2.58 -23.25
CA TYR A 158 11.25 1.80 -23.80
C TYR A 158 10.75 1.04 -25.00
N LYS A 159 9.48 0.68 -24.98
CA LYS A 159 8.96 -0.03 -26.12
C LYS A 159 8.76 0.84 -27.39
N THR A 160 8.90 2.16 -27.29
CA THR A 160 8.80 2.95 -28.48
C THR A 160 10.03 2.82 -29.41
N PHE A 161 10.92 1.86 -29.19
CA PHE A 161 12.18 1.94 -29.92
C PHE A 161 12.37 0.75 -30.79
N ASP A 162 12.61 1.00 -32.07
CA ASP A 162 12.80 -0.14 -32.95
C ASP A 162 14.20 -0.78 -32.90
N LEU A 163 14.28 -1.95 -32.30
CA LEU A 163 15.57 -2.54 -32.00
C LEU A 163 15.78 -3.92 -32.57
N GLY A 164 14.85 -4.34 -33.43
CA GLY A 164 14.90 -5.68 -33.97
C GLY A 164 14.40 -6.71 -32.96
N PRO A 165 14.14 -7.91 -33.43
CA PRO A 165 13.83 -8.90 -32.39
C PRO A 165 15.05 -8.93 -31.50
N GLY A 166 14.95 -9.44 -30.29
CA GLY A 166 16.17 -9.50 -29.48
C GLY A 166 16.55 -8.17 -28.86
N GLY A 167 15.88 -7.08 -29.27
CA GLY A 167 16.16 -5.74 -28.75
C GLY A 167 15.78 -5.64 -27.28
N SER A 168 16.51 -4.84 -26.52
CA SER A 168 16.42 -4.89 -25.06
C SER A 168 16.85 -3.60 -24.39
N ILE A 169 16.05 -3.10 -23.47
CA ILE A 169 16.51 -1.95 -22.69
C ILE A 169 16.40 -2.18 -21.22
N SER A 170 17.40 -1.76 -20.46
CA SER A 170 17.30 -1.89 -19.00
C SER A 170 17.60 -0.63 -18.29
N LEU A 171 16.96 -0.50 -17.12
CA LEU A 171 17.34 0.57 -16.22
C LEU A 171 17.84 -0.10 -14.98
N LEU A 172 19.10 0.14 -14.63
CA LEU A 172 19.65 -0.47 -13.43
C LEU A 172 20.23 0.51 -12.43
N HIS A 173 20.37 0.02 -11.20
CA HIS A 173 20.98 0.85 -10.20
C HIS A 173 22.46 0.65 -10.41
N SER A 174 23.19 1.73 -10.17
CA SER A 174 24.62 1.64 -10.17
C SER A 174 25.18 0.37 -9.49
N ASP A 175 24.48 -0.18 -8.50
CA ASP A 175 25.02 -1.38 -7.79
C ASP A 175 24.51 -2.70 -8.30
N GLY A 176 23.85 -2.69 -9.44
CA GLY A 176 23.46 -3.96 -10.05
C GLY A 176 22.00 -4.30 -9.84
N ARG A 177 21.29 -3.55 -9.02
CA ARG A 177 19.91 -3.90 -8.85
C ARG A 177 19.22 -3.47 -10.11
N LEU A 178 18.35 -4.35 -10.62
CA LEU A 178 17.56 -4.09 -11.81
C LEU A 178 16.24 -3.38 -11.46
N LEU A 179 16.00 -2.19 -11.96
CA LEU A 179 14.69 -1.50 -11.72
C LEU A 179 13.66 -1.85 -12.79
N ILE A 180 14.08 -1.82 -14.03
CA ILE A 180 13.16 -2.29 -15.02
C ILE A 180 13.89 -2.79 -16.22
N GLN A 181 13.26 -3.75 -16.87
CA GLN A 181 13.82 -4.26 -18.08
C GLN A 181 12.75 -4.51 -19.17
N TRP A 182 13.04 -4.00 -20.36
CA TRP A 182 12.18 -4.23 -21.49
C TRP A 182 12.86 -5.20 -22.51
N PRO A 183 12.12 -6.22 -23.02
CA PRO A 183 10.68 -6.53 -22.91
C PRO A 183 10.30 -7.56 -21.80
N SER A 184 11.25 -8.21 -21.16
CA SER A 184 10.90 -9.14 -20.12
C SER A 184 9.97 -8.57 -19.06
N LEU A 185 10.11 -7.31 -18.67
CA LEU A 185 9.35 -6.76 -17.51
C LEU A 185 9.87 -7.24 -16.13
N GLN A 186 11.00 -7.93 -16.09
CA GLN A 186 11.59 -8.21 -14.77
C GLN A 186 12.00 -6.98 -13.99
N THR A 187 12.16 -7.17 -12.69
CA THR A 187 12.43 -6.04 -11.83
C THR A 187 12.82 -6.58 -10.45
N GLY A 188 13.73 -5.91 -9.75
CA GLY A 188 14.10 -6.33 -8.38
C GLY A 188 15.38 -7.15 -8.31
N ARG A 189 15.59 -7.99 -9.32
CA ARG A 189 16.70 -8.92 -9.23
C ARG A 189 18.04 -8.26 -9.22
N ASP A 190 19.02 -9.00 -8.71
CA ASP A 190 20.36 -8.50 -8.50
C ASP A 190 21.25 -8.94 -9.65
N MSE A 191 21.69 -8.00 -10.46
CA MSE A 191 22.47 -8.35 -11.63
C MSE A 191 23.95 -8.03 -11.45
O MSE A 191 24.69 -7.96 -12.44
CB MSE A 191 21.97 -7.54 -12.78
CG MSE A 191 20.47 -7.44 -12.84
SE MSE A 191 19.72 -8.98 -13.75
CE MSE A 191 19.05 -9.90 -12.23
N ALA A 192 24.44 -7.79 -10.23
CA ALA A 192 25.85 -7.44 -10.10
C ALA A 192 26.91 -8.43 -10.76
N ASN A 193 26.54 -9.70 -11.08
CA ASN A 193 27.53 -10.58 -11.60
C ASN A 193 27.74 -10.29 -13.07
N MSE A 194 26.80 -9.61 -13.70
CA MSE A 194 27.05 -9.24 -15.09
C MSE A 194 28.45 -8.55 -15.27
O MSE A 194 29.00 -7.84 -14.40
CB MSE A 194 25.93 -8.29 -15.62
CG MSE A 194 24.60 -8.93 -16.12
SE MSE A 194 23.46 -7.47 -16.48
CE MSE A 194 22.26 -8.20 -15.21
N VAL A 195 28.96 -8.73 -16.47
CA VAL A 195 30.19 -8.17 -16.87
C VAL A 195 30.07 -6.65 -16.75
N LEU A 196 28.91 -6.12 -17.14
CA LEU A 196 28.62 -4.70 -16.98
C LEU A 196 29.12 -4.16 -15.63
N PHE A 197 28.87 -4.92 -14.56
CA PHE A 197 29.25 -4.45 -13.26
C PHE A 197 30.62 -4.95 -12.79
N GLN A 198 31.00 -6.17 -13.20
CA GLN A 198 32.30 -6.70 -12.81
C GLN A 198 33.49 -5.99 -13.50
N LYS A 199 33.39 -5.61 -14.79
CA LYS A 199 34.56 -5.03 -15.47
C LYS A 199 34.26 -3.71 -16.22
N ALA A 200 33.18 -3.65 -16.99
CA ALA A 200 32.92 -2.44 -17.73
C ALA A 200 32.68 -1.17 -16.88
N LEU A 201 31.75 -1.18 -15.93
CA LEU A 201 31.56 0.07 -15.20
C LEU A 201 32.83 0.47 -14.40
N PRO A 202 33.53 -0.52 -13.81
CA PRO A 202 34.72 -0.07 -13.08
C PRO A 202 35.70 0.58 -14.01
N ARG A 203 35.69 0.19 -15.29
CA ARG A 203 36.65 0.72 -16.27
C ARG A 203 36.08 2.00 -16.84
N SER A 204 34.77 2.14 -16.91
CA SER A 204 34.24 3.44 -17.30
C SER A 204 32.85 3.52 -17.83
N PRO A 205 32.26 4.72 -17.87
CA PRO A 205 30.98 4.91 -17.27
C PRO A 205 29.97 5.05 -18.45
N ASP A 206 30.40 5.05 -19.72
CA ASP A 206 30.21 4.02 -20.75
C ASP A 206 31.40 3.57 -21.60
N GLY A 207 31.16 2.64 -22.55
CA GLY A 207 29.85 2.23 -23.00
C GLY A 207 29.54 1.23 -24.14
N TYR A 208 30.42 0.38 -24.72
CA TYR A 208 29.86 -0.58 -25.76
C TYR A 208 30.57 -1.90 -26.05
N TYR A 209 29.90 -3.06 -26.07
CA TYR A 209 30.67 -4.31 -26.20
C TYR A 209 29.83 -5.56 -26.43
N LEU A 210 30.46 -6.70 -26.63
CA LEU A 210 29.66 -7.84 -27.03
C LEU A 210 29.40 -8.72 -25.84
N THR A 211 28.22 -9.25 -25.66
CA THR A 211 27.95 -9.96 -24.40
C THR A 211 26.76 -10.89 -24.52
N VAL A 212 26.43 -11.62 -23.47
CA VAL A 212 25.32 -12.54 -23.57
C VAL A 212 24.17 -12.00 -22.70
N SER A 213 22.96 -11.95 -23.24
CA SER A 213 21.83 -11.52 -22.47
C SER A 213 21.56 -12.52 -21.40
N PRO A 214 21.37 -12.03 -20.20
CA PRO A 214 20.96 -12.90 -19.14
C PRO A 214 19.46 -13.17 -19.21
N PHE A 215 18.75 -12.48 -20.09
CA PHE A 215 17.29 -12.64 -20.12
C PHE A 215 16.88 -13.67 -21.13
N ASP A 216 17.61 -13.80 -22.22
CA ASP A 216 17.18 -14.73 -23.24
C ASP A 216 18.36 -15.51 -23.77
N GLY A 217 19.56 -15.32 -23.24
CA GLY A 217 20.64 -16.19 -23.63
C GLY A 217 21.23 -15.83 -24.97
N LEU A 218 20.77 -14.79 -25.61
CA LEU A 218 21.31 -14.52 -26.93
C LEU A 218 22.57 -13.70 -26.87
N THR A 219 23.36 -13.77 -27.93
CA THR A 219 24.52 -12.93 -28.06
C THR A 219 24.07 -11.59 -28.58
N LYS A 220 24.56 -10.49 -27.99
CA LYS A 220 24.30 -9.19 -28.56
C LYS A 220 25.32 -8.17 -28.24
N TYR A 221 25.34 -7.13 -29.08
CA TYR A 221 26.05 -5.92 -28.78
C TYR A 221 25.21 -5.09 -27.81
N LEU A 222 25.88 -4.56 -26.79
CA LEU A 222 25.29 -3.79 -25.73
C LEU A 222 26.00 -2.44 -25.54
N ALA A 223 25.19 -1.42 -25.44
CA ALA A 223 25.74 -0.13 -25.11
C ALA A 223 25.13 0.23 -23.74
N TYR A 224 25.97 0.80 -22.87
CA TYR A 224 25.54 1.24 -21.56
C TYR A 224 26.12 2.60 -21.26
N ARG A 225 25.46 3.28 -20.35
CA ARG A 225 25.86 4.60 -19.90
C ARG A 225 25.35 4.96 -18.48
N ARG A 226 26.26 5.38 -17.60
CA ARG A 226 25.84 5.92 -16.29
C ARG A 226 24.85 7.03 -16.53
N VAL A 227 23.80 7.05 -15.72
CA VAL A 227 22.81 8.07 -15.78
C VAL A 227 23.27 9.34 -15.01
N SER A 228 23.39 10.41 -15.73
CA SER A 228 23.82 11.60 -15.05
C SER A 228 22.97 11.99 -13.77
N ARG A 229 23.66 12.25 -12.66
CA ARG A 229 23.04 12.89 -11.51
C ARG A 229 22.24 11.95 -10.57
N TYR A 230 22.18 10.65 -10.86
CA TYR A 230 21.57 9.61 -10.01
C TYR A 230 22.35 8.31 -10.17
N PRO A 231 22.46 7.49 -9.09
CA PRO A 231 23.21 6.21 -9.24
C PRO A 231 22.45 5.14 -10.07
N LEU A 232 22.18 5.44 -11.34
CA LEU A 232 21.46 4.51 -12.23
C LEU A 232 22.34 4.26 -13.47
N VAL A 233 22.11 3.17 -14.18
CA VAL A 233 22.78 2.93 -15.44
C VAL A 233 21.71 2.55 -16.45
N VAL A 234 21.88 2.88 -17.72
CA VAL A 234 20.90 2.37 -18.68
C VAL A 234 21.67 1.49 -19.61
N THR A 235 21.01 0.46 -20.15
CA THR A 235 21.67 -0.35 -21.18
C THR A 235 20.72 -0.55 -22.36
N VAL A 236 21.24 -0.57 -23.60
CA VAL A 236 20.48 -0.95 -24.82
C VAL A 236 21.22 -2.07 -25.47
N ALA A 237 20.51 -3.10 -25.92
CA ALA A 237 21.14 -4.22 -26.61
C ALA A 237 20.32 -4.68 -27.80
N ARG A 238 21.01 -5.24 -28.79
CA ARG A 238 20.37 -5.94 -29.91
C ARG A 238 21.18 -7.14 -30.38
N THR A 239 20.50 -8.21 -30.78
CA THR A 239 21.17 -9.31 -31.45
C THR A 239 21.73 -8.75 -32.73
N GLU A 240 22.86 -9.29 -33.15
CA GLU A 240 23.53 -8.82 -34.34
C GLU A 240 22.80 -9.18 -35.62
N ASP A 241 22.47 -10.47 -35.78
CA ASP A 241 21.93 -10.99 -37.06
C ASP A 241 22.86 -12.05 -37.79
N SER A 242 22.34 -13.25 -38.08
CA SER A 242 23.09 -14.26 -38.90
C SER A 242 22.32 -15.51 -39.39
N VAL A 243 22.74 -16.67 -38.88
CA VAL A 243 22.42 -17.98 -39.49
C VAL A 243 23.45 -19.05 -39.04
N LEU A 244 23.09 -19.96 -38.13
CA LEU A 244 21.70 -20.14 -37.60
C LEU A 244 20.54 -20.31 -38.64
N SER A 245 20.31 -21.56 -39.06
CA SER A 245 21.18 -22.67 -38.64
C SER A 245 21.81 -23.36 -39.88
N GLY A 246 22.35 -24.57 -39.74
CA GLY A 246 22.53 -25.21 -38.43
C GLY A 246 23.68 -24.60 -37.65
N LYS B 7 -22.18 26.58 28.65
CA LYS B 7 -22.52 25.33 29.42
C LYS B 7 -24.04 25.14 29.34
N ILE B 8 -24.68 26.27 29.04
CA ILE B 8 -26.13 26.36 28.83
C ILE B 8 -26.62 25.43 27.68
N ALA B 9 -25.65 24.83 26.96
CA ALA B 9 -25.86 24.15 25.65
C ALA B 9 -24.91 22.96 25.33
N LEU B 10 -23.81 22.83 26.09
CA LEU B 10 -22.89 21.66 26.05
C LEU B 10 -23.50 20.42 26.73
N ALA B 11 -24.45 20.67 27.65
CA ALA B 11 -25.27 19.63 28.28
C ALA B 11 -26.08 18.89 27.19
N GLN B 12 -26.39 19.63 26.11
CA GLN B 12 -27.21 19.14 25.00
C GLN B 12 -26.37 18.44 23.89
N SER B 13 -25.15 18.91 23.66
CA SER B 13 -24.17 18.12 22.94
C SER B 13 -23.96 16.78 23.63
N GLU B 14 -23.51 16.79 24.88
CA GLU B 14 -23.25 15.52 25.50
C GLU B 14 -24.35 14.52 25.12
N THR B 15 -25.61 14.88 25.34
CA THR B 15 -26.71 14.01 24.99
C THR B 15 -26.83 13.71 23.51
N GLU B 16 -26.67 14.68 22.64
CA GLU B 16 -26.74 14.35 21.23
C GLU B 16 -25.59 13.37 20.88
N MSE B 17 -24.38 13.69 21.30
CA MSE B 17 -23.29 12.80 21.04
C MSE B 17 -23.45 11.40 21.64
O MSE B 17 -23.18 10.40 20.95
CB MSE B 17 -21.99 13.45 21.45
CG MSE B 17 -21.60 14.52 20.50
SE MSE B 17 -20.09 15.44 21.23
CE MSE B 17 -18.63 14.31 20.64
N ARG B 18 -23.87 11.30 22.92
CA ARG B 18 -24.07 9.96 23.48
C ARG B 18 -25.09 9.22 22.61
N ASN B 19 -25.87 10.00 21.90
CA ASN B 19 -26.97 9.43 21.23
C ASN B 19 -26.56 8.95 19.84
N LEU B 20 -25.73 9.74 19.17
CA LEU B 20 -25.14 9.33 17.92
C LEU B 20 -24.35 8.04 18.12
N SER B 21 -23.51 8.05 19.15
CA SER B 21 -22.70 6.89 19.45
C SER B 21 -23.62 5.69 19.39
N HIS B 22 -24.83 5.88 19.91
CA HIS B 22 -25.79 4.80 19.92
C HIS B 22 -26.11 4.30 18.49
N SER B 23 -26.50 5.20 17.61
CA SER B 23 -26.81 4.76 16.23
C SER B 23 -25.66 4.12 15.50
N LEU B 24 -24.46 4.66 15.69
CA LEU B 24 -23.28 4.16 15.02
C LEU B 24 -22.99 2.77 15.54
N ALA B 25 -23.16 2.60 16.83
CA ALA B 25 -22.92 1.29 17.39
C ALA B 25 -23.89 0.29 16.76
N GLU B 26 -25.16 0.72 16.63
CA GLU B 26 -26.14 -0.19 16.10
C GLU B 26 -25.89 -0.48 14.66
N HIS B 27 -25.50 0.54 13.90
CA HIS B 27 -25.23 0.36 12.50
C HIS B 27 -24.15 -0.68 12.33
N ALA B 28 -23.18 -0.64 13.22
CA ALA B 28 -22.05 -1.51 13.16
C ALA B 28 -22.53 -2.92 13.47
N THR B 29 -23.32 -3.03 14.54
CA THR B 29 -23.86 -4.31 14.93
C THR B 29 -24.62 -4.97 13.77
N HIS B 30 -25.55 -4.24 13.16
CA HIS B 30 -26.31 -4.78 12.05
C HIS B 30 -25.41 -5.09 10.85
N THR B 31 -24.50 -4.18 10.50
CA THR B 31 -23.60 -4.48 9.39
C THR B 31 -22.89 -5.77 9.71
N PHE B 32 -22.40 -5.98 10.92
CA PHE B 32 -21.66 -7.20 11.15
C PHE B 32 -22.50 -8.46 11.22
N GLN B 33 -23.71 -8.33 11.74
CA GLN B 33 -24.74 -9.36 11.60
C GLN B 33 -24.94 -9.84 10.14
N GLY B 34 -25.04 -8.90 9.20
CA GLY B 34 -25.12 -9.23 7.80
C GLY B 34 -24.02 -10.17 7.37
N ALA B 35 -22.79 -9.90 7.73
CA ALA B 35 -21.74 -10.77 7.24
C ALA B 35 -21.74 -12.09 8.00
N ASP B 36 -22.04 -12.03 9.29
CA ASP B 36 -22.19 -13.22 10.14
C ASP B 36 -23.15 -14.26 9.51
N VAL B 37 -24.28 -13.77 9.00
CA VAL B 37 -25.29 -14.64 8.46
C VAL B 37 -24.80 -15.23 7.14
N VAL B 38 -24.30 -14.39 6.25
CA VAL B 38 -23.78 -14.86 4.97
C VAL B 38 -22.69 -15.90 5.13
N LEU B 39 -21.74 -15.62 6.00
CA LEU B 39 -20.70 -16.58 6.18
C LEU B 39 -21.31 -17.79 6.87
N ASP B 40 -22.29 -17.57 7.74
CA ASP B 40 -22.81 -18.72 8.45
C ASP B 40 -23.47 -19.69 7.43
N ASP B 41 -24.11 -19.15 6.41
CA ASP B 41 -24.63 -19.98 5.34
C ASP B 41 -23.55 -20.78 4.63
N ILE B 42 -22.46 -20.10 4.25
CA ILE B 42 -21.27 -20.80 3.74
C ILE B 42 -20.75 -21.94 4.67
N VAL B 43 -20.70 -21.70 5.97
CA VAL B 43 -20.18 -22.73 6.84
C VAL B 43 -21.04 -23.95 6.57
N SER B 44 -22.34 -23.70 6.48
CA SER B 44 -23.34 -24.73 6.28
C SER B 44 -23.14 -25.38 4.91
N PHE B 45 -23.17 -24.58 3.86
CA PHE B 45 -22.97 -25.09 2.52
C PHE B 45 -21.74 -25.98 2.33
N MSE B 46 -20.57 -25.62 2.86
CA MSE B 46 -19.40 -26.50 2.67
C MSE B 46 -19.57 -27.83 3.38
O MSE B 46 -19.24 -28.88 2.83
CB MSE B 46 -18.09 -25.85 3.13
CG MSE B 46 -17.81 -24.52 2.54
SE MSE B 46 -17.61 -24.54 0.61
CE MSE B 46 -15.92 -25.52 0.63
N LYS B 47 -20.05 -27.79 4.62
CA LYS B 47 -20.41 -28.96 5.38
C LYS B 47 -21.19 -29.98 4.52
N TRP B 48 -22.23 -29.53 3.82
CA TRP B 48 -22.99 -30.49 3.05
C TRP B 48 -22.60 -30.43 1.59
N ARG B 49 -21.31 -30.34 1.27
CA ARG B 49 -20.88 -30.18 -0.14
C ARG B 49 -19.38 -29.89 -0.30
N PRO B 50 -18.55 -30.53 0.51
CA PRO B 50 -17.12 -30.32 0.49
C PRO B 50 -16.51 -29.87 -0.84
N HIS B 51 -17.05 -30.26 -1.98
CA HIS B 51 -16.38 -29.93 -3.24
C HIS B 51 -17.24 -29.37 -4.32
N PRO B 52 -17.69 -28.16 -4.12
CA PRO B 52 -18.43 -27.38 -5.09
C PRO B 52 -17.80 -27.42 -6.47
N SER B 53 -18.64 -27.45 -7.49
CA SER B 53 -18.16 -27.25 -8.85
C SER B 53 -17.44 -25.89 -8.94
N PRO B 54 -16.77 -25.62 -10.06
CA PRO B 54 -16.35 -24.25 -10.34
C PRO B 54 -17.39 -23.11 -10.32
N VAL B 55 -18.69 -23.37 -10.44
CA VAL B 55 -19.67 -22.23 -10.38
C VAL B 55 -19.53 -21.45 -9.06
N PHE B 56 -19.21 -22.20 -8.00
CA PHE B 56 -19.17 -21.66 -6.67
C PHE B 56 -18.31 -20.41 -6.59
N ASN B 57 -17.23 -20.36 -7.37
CA ASN B 57 -16.46 -19.14 -7.45
C ASN B 57 -17.34 -17.99 -8.00
N GLU B 58 -18.26 -18.34 -8.87
CA GLU B 58 -19.19 -17.34 -9.37
C GLU B 58 -20.23 -17.00 -8.30
N ARG B 59 -20.70 -18.00 -7.55
CA ARG B 59 -21.63 -17.69 -6.50
C ARG B 59 -20.98 -16.66 -5.53
N LEU B 60 -19.68 -16.82 -5.28
CA LEU B 60 -18.97 -15.98 -4.33
C LEU B 60 -18.84 -14.55 -4.81
N ARG B 61 -18.47 -14.36 -6.07
CA ARG B 61 -18.43 -13.00 -6.63
C ARG B 61 -19.82 -12.35 -6.63
N ALA B 62 -20.89 -13.14 -6.66
CA ALA B 62 -22.24 -12.55 -6.60
C ALA B 62 -22.59 -12.10 -5.17
N LEU B 63 -22.39 -13.00 -4.21
CA LEU B 63 -22.37 -12.67 -2.79
C LEU B 63 -21.65 -11.34 -2.49
N ALA B 64 -20.33 -11.32 -2.65
CA ALA B 64 -19.56 -10.09 -2.48
C ALA B 64 -20.26 -8.88 -3.05
N ASP B 65 -20.81 -9.04 -4.25
CA ASP B 65 -21.45 -7.94 -4.94
C ASP B 65 -22.70 -7.45 -4.26
N ASN B 66 -23.45 -8.31 -3.60
CA ASN B 66 -24.64 -7.82 -2.89
C ASN B 66 -24.34 -7.21 -1.57
N LEU B 67 -23.34 -7.74 -0.90
CA LEU B 67 -22.85 -7.16 0.32
C LEU B 67 -22.03 -5.89 0.05
N PRO B 68 -22.60 -4.74 0.42
CA PRO B 68 -21.90 -3.52 0.25
C PRO B 68 -20.82 -3.40 1.34
N GLN B 69 -20.91 -4.17 2.42
CA GLN B 69 -19.87 -4.11 3.40
C GLN B 69 -18.77 -5.13 3.16
N LEU B 70 -18.97 -6.02 2.20
CA LEU B 70 -17.96 -7.05 1.93
C LEU B 70 -17.38 -6.84 0.56
N SER B 71 -16.07 -6.89 0.44
CA SER B 71 -15.48 -6.66 -0.88
C SER B 71 -15.06 -7.92 -1.60
N ASP B 72 -14.81 -8.99 -0.85
CA ASP B 72 -14.93 -10.35 -1.39
C ASP B 72 -14.65 -11.48 -0.45
N VAL B 73 -14.77 -12.69 -0.94
CA VAL B 73 -14.94 -13.83 -0.06
C VAL B 73 -14.10 -14.97 -0.63
N ALA B 74 -13.50 -15.75 0.25
CA ALA B 74 -12.64 -16.78 -0.23
C ALA B 74 -12.68 -18.02 0.70
N ILE B 75 -12.26 -19.17 0.19
CA ILE B 75 -12.25 -20.38 0.99
C ILE B 75 -10.86 -20.98 1.04
N LEU B 76 -10.46 -21.43 2.23
CA LEU B 76 -9.21 -22.18 2.39
C LEU B 76 -9.52 -23.60 2.87
N ASP B 77 -8.80 -24.63 2.39
CA ASP B 77 -8.81 -25.94 3.11
C ASP B 77 -8.21 -25.62 4.50
N ALA B 78 -8.35 -26.42 5.55
CA ALA B 78 -8.07 -27.83 5.60
C ALA B 78 -6.59 -27.65 6.05
N ASP B 79 -5.70 -27.26 5.13
CA ASP B 79 -4.41 -26.66 5.53
C ASP B 79 -4.07 -25.36 4.79
N GLY B 80 -4.91 -24.36 5.01
CA GLY B 80 -4.65 -22.99 4.63
C GLY B 80 -4.47 -22.69 3.17
N GLN B 81 -5.00 -23.52 2.28
CA GLN B 81 -4.83 -23.24 0.85
C GLN B 81 -6.11 -22.81 0.22
N LEU B 82 -5.98 -21.95 -0.77
CA LEU B 82 -7.13 -21.24 -1.27
C LEU B 82 -7.81 -22.12 -2.30
N THR B 83 -9.03 -22.57 -2.02
CA THR B 83 -9.69 -23.42 -2.98
C THR B 83 -10.67 -22.65 -3.81
N TYR B 84 -11.50 -21.83 -3.19
CA TYR B 84 -12.38 -20.96 -3.98
C TYR B 84 -12.28 -19.55 -3.49
N ALA B 85 -12.59 -18.62 -4.38
CA ALA B 85 -12.65 -17.20 -4.05
C ALA B 85 -13.47 -16.42 -5.08
N SER B 86 -13.82 -15.18 -4.75
CA SER B 86 -14.54 -14.34 -5.67
C SER B 86 -13.58 -13.50 -6.53
N VAL B 87 -12.29 -13.79 -6.45
CA VAL B 87 -11.29 -12.98 -7.14
C VAL B 87 -11.17 -13.33 -8.63
N LYS B 88 -10.96 -12.30 -9.47
CA LYS B 88 -10.87 -12.42 -10.98
C LYS B 88 -10.52 -13.81 -11.44
N PRO B 89 -9.20 -14.07 -11.65
CA PRO B 89 -8.69 -15.43 -11.82
C PRO B 89 -8.42 -15.98 -10.42
N VAL B 90 -9.02 -17.13 -10.08
CA VAL B 90 -8.87 -17.67 -8.75
C VAL B 90 -7.45 -18.08 -8.57
N PRO B 91 -6.69 -17.33 -7.76
CA PRO B 91 -5.23 -17.51 -7.70
C PRO B 91 -4.84 -18.68 -6.80
N ALA B 92 -3.56 -19.02 -6.79
CA ALA B 92 -3.09 -20.07 -5.89
C ALA B 92 -2.55 -19.38 -4.67
N LEU B 93 -2.74 -19.91 -3.49
CA LEU B 93 -2.34 -19.09 -2.38
C LEU B 93 -2.22 -19.83 -1.10
N ASP B 94 -1.05 -19.77 -0.51
CA ASP B 94 -0.87 -20.47 0.71
C ASP B 94 -1.05 -19.46 1.85
N ASN B 95 -2.22 -19.45 2.50
CA ASN B 95 -2.24 -18.68 3.72
C ASN B 95 -2.43 -19.41 5.00
N SER B 96 -1.70 -20.50 5.03
CA SER B 96 -1.50 -21.31 6.23
C SER B 96 -0.81 -20.53 7.33
N ASP B 97 -0.25 -19.37 7.00
CA ASP B 97 0.49 -18.60 8.00
C ASP B 97 -0.39 -17.53 8.65
N ARG B 98 -1.58 -17.31 8.08
CA ARG B 98 -2.49 -16.27 8.54
C ARG B 98 -2.95 -16.51 9.95
N SER B 99 -2.93 -15.48 10.80
CA SER B 99 -3.31 -15.73 12.15
C SER B 99 -4.75 -16.27 12.25
N TYR B 100 -5.62 -15.82 11.36
CA TYR B 100 -7.02 -16.21 11.44
C TYR B 100 -7.21 -17.66 11.00
N PHE B 101 -6.43 -18.14 10.02
CA PHE B 101 -6.42 -19.56 9.70
C PHE B 101 -5.99 -20.35 10.92
N ARG B 102 -4.81 -20.03 11.42
CA ARG B 102 -4.30 -20.65 12.63
C ARG B 102 -5.36 -20.74 13.72
N TYR B 103 -5.97 -19.60 14.06
CA TYR B 103 -6.93 -19.55 15.15
C TYR B 103 -8.00 -20.59 14.91
N HIS B 104 -8.49 -20.65 13.69
CA HIS B 104 -9.60 -21.54 13.45
C HIS B 104 -9.18 -22.97 13.57
N ARG B 105 -7.91 -23.28 13.34
CA ARG B 105 -7.46 -24.66 13.47
C ARG B 105 -7.53 -25.04 14.95
N ALA B 106 -7.10 -24.15 15.80
CA ALA B 106 -7.06 -24.53 17.18
C ALA B 106 -8.33 -24.15 17.92
N ASN B 107 -9.46 -23.88 17.28
CA ASN B 107 -10.59 -23.54 18.14
C ASN B 107 -11.92 -24.26 18.02
N ASP B 108 -12.50 -24.32 16.83
CA ASP B 108 -13.84 -24.98 16.70
C ASP B 108 -14.88 -24.41 17.71
N ASP B 109 -14.77 -23.11 17.94
CA ASP B 109 -15.89 -22.32 18.44
C ASP B 109 -16.64 -21.84 17.17
N HIS B 110 -17.71 -21.07 17.31
CA HIS B 110 -18.49 -20.68 16.14
C HIS B 110 -18.60 -19.17 15.94
N THR B 111 -17.79 -18.41 16.68
CA THR B 111 -17.79 -16.96 16.56
C THR B 111 -17.19 -16.55 15.20
N LEU B 112 -17.64 -15.40 14.70
CA LEU B 112 -17.04 -14.67 13.57
C LEU B 112 -15.77 -13.97 14.06
N LEU B 113 -14.63 -14.22 13.43
CA LEU B 113 -13.39 -13.68 13.94
C LEU B 113 -13.17 -12.43 13.16
N ILE B 114 -12.90 -11.34 13.86
CA ILE B 114 -12.54 -10.12 13.17
C ILE B 114 -11.07 -9.93 13.36
N THR B 115 -10.33 -9.88 12.25
CA THR B 115 -8.93 -9.94 12.39
C THR B 115 -8.30 -8.96 11.42
N GLY B 116 -7.26 -8.24 11.84
CA GLY B 116 -6.55 -7.28 10.98
C GLY B 116 -5.87 -6.16 11.77
N PRO B 117 -5.19 -5.20 11.09
CA PRO B 117 -5.14 -5.04 9.59
C PRO B 117 -4.18 -6.03 9.03
N ILE B 118 -4.46 -6.54 7.85
CA ILE B 118 -3.47 -7.36 7.14
C ILE B 118 -3.50 -6.88 5.72
N GLN B 119 -2.37 -7.06 5.06
CA GLN B 119 -2.25 -6.63 3.68
C GLN B 119 -2.79 -7.69 2.76
N SER B 120 -3.93 -7.40 2.11
CA SER B 120 -4.60 -8.39 1.25
C SER B 120 -3.63 -9.07 0.32
N ARG B 121 -3.57 -10.38 0.33
CA ARG B 121 -2.66 -10.97 -0.66
C ARG B 121 -3.26 -11.08 -2.06
N THR B 122 -4.49 -10.69 -2.28
CA THR B 122 -4.93 -10.68 -3.66
C THR B 122 -5.22 -9.26 -4.09
N SER B 123 -5.26 -8.31 -3.17
CA SER B 123 -5.47 -6.95 -3.67
C SER B 123 -4.33 -6.02 -3.29
N GLY B 124 -3.47 -6.44 -2.37
CA GLY B 124 -2.27 -5.63 -2.01
C GLY B 124 -2.49 -4.47 -1.03
N VAL B 125 -3.71 -4.32 -0.59
CA VAL B 125 -4.16 -3.13 0.11
C VAL B 125 -4.37 -3.53 1.63
N TRP B 126 -4.28 -2.58 2.54
CA TRP B 126 -4.50 -2.98 3.94
C TRP B 126 -5.97 -3.11 4.29
N VAL B 127 -6.35 -4.19 4.95
CA VAL B 127 -7.74 -4.45 5.22
C VAL B 127 -7.94 -5.20 6.51
N PHE B 128 -9.23 -5.29 6.85
CA PHE B 128 -9.77 -6.09 7.93
C PHE B 128 -10.63 -7.24 7.40
N VAL B 129 -10.65 -8.28 8.17
CA VAL B 129 -11.16 -9.51 7.64
C VAL B 129 -12.00 -10.24 8.73
N VAL B 130 -13.00 -10.92 8.24
CA VAL B 130 -14.03 -11.58 9.03
C VAL B 130 -13.98 -13.06 8.60
N SER B 131 -13.97 -14.01 9.53
CA SER B 131 -13.76 -15.39 9.10
C SER B 131 -14.45 -16.40 9.98
N ARG B 132 -14.71 -17.56 9.38
CA ARG B 132 -15.30 -18.62 10.13
C ARG B 132 -14.62 -20.00 9.97
N ARG B 133 -14.63 -20.80 11.05
CA ARG B 133 -14.19 -22.20 10.96
C ARG B 133 -15.10 -23.06 10.05
N LEU B 134 -14.54 -23.70 9.03
CA LEU B 134 -15.32 -24.59 8.18
C LEU B 134 -15.31 -26.00 8.79
N GLU B 135 -16.43 -26.74 8.71
CA GLU B 135 -16.41 -28.11 9.25
C GLU B 135 -17.09 -29.23 8.46
N THR B 136 -16.50 -30.41 8.61
CA THR B 136 -16.97 -31.65 8.04
C THR B 136 -18.21 -32.11 8.81
N THR B 137 -19.11 -32.87 8.19
CA THR B 137 -20.36 -33.25 8.89
C THR B 137 -20.08 -33.84 10.25
N ASP B 138 -18.93 -34.49 10.42
CA ASP B 138 -18.62 -35.03 11.73
C ASP B 138 -17.90 -34.03 12.66
N GLY B 139 -17.68 -32.82 12.17
CA GLY B 139 -17.01 -31.82 12.98
C GLY B 139 -15.49 -31.91 12.96
N LYS B 140 -14.94 -32.36 11.83
CA LYS B 140 -13.50 -32.26 11.56
C LYS B 140 -13.21 -30.87 11.01
N PHE B 141 -12.08 -30.30 11.39
CA PHE B 141 -11.69 -29.03 10.82
C PHE B 141 -11.51 -29.18 9.28
N PHE B 142 -11.96 -28.19 8.48
CA PHE B 142 -12.02 -28.30 6.99
C PHE B 142 -11.56 -27.07 6.10
N GLY B 143 -11.15 -25.97 6.76
CA GLY B 143 -11.04 -24.55 6.19
C GLY B 143 -11.59 -23.85 7.42
N VAL B 144 -12.10 -22.61 7.47
CA VAL B 144 -11.87 -21.33 6.81
C VAL B 144 -12.54 -20.76 5.60
N VAL B 145 -13.61 -19.97 5.89
CA VAL B 145 -14.18 -18.93 4.99
C VAL B 145 -13.71 -17.56 5.44
N VAL B 146 -13.14 -16.76 4.54
CA VAL B 146 -12.64 -15.42 4.88
C VAL B 146 -13.30 -14.41 3.98
N ALA B 147 -13.67 -13.28 4.56
CA ALA B 147 -14.21 -12.22 3.75
C ALA B 147 -13.61 -10.89 4.18
N THR B 148 -13.35 -10.02 3.21
CA THR B 148 -12.75 -8.77 3.59
C THR B 148 -13.80 -7.64 3.74
N ILE B 149 -13.63 -6.85 4.80
CA ILE B 149 -14.53 -5.77 5.14
C ILE B 149 -14.20 -4.65 4.24
N GLU B 150 -15.21 -4.10 3.57
CA GLU B 150 -15.11 -2.86 2.82
C GLU B 150 -15.22 -1.61 3.75
N SER B 151 -14.13 -1.04 4.19
CA SER B 151 -14.22 0.02 5.21
C SER B 151 -14.96 1.24 4.67
N GLU B 152 -14.85 1.44 3.40
CA GLU B 152 -15.46 2.60 2.83
C GLU B 152 -16.96 2.52 2.97
N TYR B 153 -17.50 1.33 3.18
CA TYR B 153 -18.92 1.28 3.46
C TYR B 153 -19.20 2.11 4.71
N PHE B 154 -18.35 2.02 5.71
CA PHE B 154 -18.58 2.72 6.94
C PHE B 154 -18.33 4.20 6.80
N SER B 155 -17.26 4.55 6.14
CA SER B 155 -16.97 5.96 6.15
C SER B 155 -17.95 6.70 5.26
N THR B 156 -18.61 5.97 4.37
CA THR B 156 -19.53 6.61 3.46
C THR B 156 -20.73 6.97 4.31
N PHE B 157 -21.14 6.01 5.11
CA PHE B 157 -22.13 6.25 6.09
C PHE B 157 -21.74 7.39 7.04
N TYR B 158 -20.52 7.32 7.61
CA TYR B 158 -20.10 8.32 8.59
C TYR B 158 -20.21 9.73 8.07
N LYS B 159 -19.97 9.94 6.78
CA LYS B 159 -20.02 11.31 6.25
C LYS B 159 -21.45 11.83 6.07
N THR B 160 -22.44 10.97 6.13
CA THR B 160 -23.77 11.50 6.07
C THR B 160 -24.07 12.35 7.30
N PHE B 161 -23.25 12.36 8.33
CA PHE B 161 -23.55 13.22 9.48
C PHE B 161 -22.78 14.56 9.41
N ASP B 162 -23.21 15.57 10.15
CA ASP B 162 -22.40 16.79 10.21
C ASP B 162 -21.62 16.89 11.51
N LEU B 163 -20.31 16.66 11.52
CA LEU B 163 -19.66 16.58 12.84
C LEU B 163 -19.09 17.91 13.38
N GLY B 164 -18.97 18.91 12.51
CA GLY B 164 -18.37 20.13 12.95
C GLY B 164 -17.00 20.30 12.36
N PRO B 165 -16.39 21.43 12.67
CA PRO B 165 -15.08 21.74 12.15
C PRO B 165 -14.10 20.61 12.38
N GLY B 166 -14.02 20.10 13.59
CA GLY B 166 -12.96 19.11 13.79
C GLY B 166 -13.55 17.73 13.97
N GLY B 167 -14.88 17.64 13.87
CA GLY B 167 -15.62 16.41 14.12
C GLY B 167 -15.06 15.20 13.43
N SER B 168 -15.22 14.03 14.06
CA SER B 168 -14.81 12.77 13.46
C SER B 168 -15.62 11.62 14.03
N ILE B 169 -15.80 10.57 13.23
CA ILE B 169 -16.29 9.35 13.81
C ILE B 169 -15.30 8.22 13.49
N SER B 170 -15.07 7.29 14.42
CA SER B 170 -14.17 6.14 14.18
C SER B 170 -14.86 4.82 14.40
N LEU B 171 -14.35 3.79 13.75
CA LEU B 171 -14.75 2.43 14.10
C LEU B 171 -13.45 1.71 14.39
N LEU B 172 -13.38 1.04 15.54
CA LEU B 172 -12.12 0.43 16.04
C LEU B 172 -12.33 -0.98 16.52
N HIS B 173 -11.31 -1.80 16.48
CA HIS B 173 -11.49 -3.08 17.08
C HIS B 173 -11.27 -2.94 18.58
N SER B 174 -11.78 -3.91 19.31
CA SER B 174 -11.69 -3.87 20.74
C SER B 174 -10.23 -3.93 21.23
N ASP B 175 -9.37 -4.61 20.51
N ASP B 175 -9.38 -4.62 20.47
CA ASP B 175 -8.00 -4.67 20.97
CA ASP B 175 -7.96 -4.71 20.81
C ASP B 175 -7.16 -3.40 20.60
C ASP B 175 -7.22 -3.36 20.70
N GLY B 176 -7.76 -2.44 19.92
CA GLY B 176 -7.10 -1.15 19.72
C GLY B 176 -6.89 -0.75 18.26
N ARG B 177 -6.92 -1.71 17.35
CA ARG B 177 -6.65 -1.39 15.96
C ARG B 177 -7.79 -0.62 15.34
N LEU B 178 -7.45 0.38 14.52
CA LEU B 178 -8.45 1.16 13.81
C LEU B 178 -8.94 0.59 12.45
N LEU B 179 -10.28 0.49 12.25
CA LEU B 179 -10.86 0.12 10.93
C LEU B 179 -11.00 1.28 9.91
N ILE B 180 -11.63 2.41 10.25
CA ILE B 180 -11.43 3.71 9.54
C ILE B 180 -11.87 4.82 10.47
N GLN B 181 -11.26 5.99 10.32
CA GLN B 181 -11.89 7.14 10.85
C GLN B 181 -12.31 8.04 9.70
N TRP B 182 -13.44 8.73 9.92
CA TRP B 182 -13.89 9.77 9.02
C TRP B 182 -13.68 11.05 9.79
N PRO B 183 -13.12 12.09 9.13
CA PRO B 183 -12.87 12.22 7.69
C PRO B 183 -11.44 11.93 7.17
N SER B 184 -10.46 11.56 8.01
CA SER B 184 -9.12 11.25 7.46
C SER B 184 -9.12 9.98 6.55
N LEU B 185 -10.15 9.17 6.62
CA LEU B 185 -10.11 7.92 5.89
C LEU B 185 -8.95 7.05 6.31
N GLN B 186 -8.34 7.26 7.48
CA GLN B 186 -7.23 6.42 7.93
C GLN B 186 -7.68 5.05 8.35
N THR B 187 -6.86 4.03 8.10
CA THR B 187 -7.14 2.67 8.55
C THR B 187 -5.88 2.03 9.14
N GLY B 188 -6.02 1.10 10.09
CA GLY B 188 -4.91 0.25 10.55
C GLY B 188 -4.16 0.76 11.77
N ARG B 189 -4.09 2.07 11.93
CA ARG B 189 -3.35 2.66 13.02
C ARG B 189 -3.67 2.05 14.37
N ASP B 190 -2.64 1.78 15.15
CA ASP B 190 -2.88 1.09 16.40
C ASP B 190 -3.17 2.10 17.50
N MSE B 191 -4.38 2.06 18.03
CA MSE B 191 -4.83 3.07 18.92
C MSE B 191 -4.78 2.59 20.39
O MSE B 191 -5.30 3.26 21.28
CB MSE B 191 -6.24 3.42 18.50
CG MSE B 191 -6.51 4.87 18.28
SE MSE B 191 -5.22 5.83 17.16
CE MSE B 191 -5.53 4.70 15.64
N ALA B 192 -4.13 1.47 20.67
CA ALA B 192 -4.25 0.82 22.00
C ALA B 192 -3.69 1.60 23.15
N ASN B 193 -2.87 2.57 22.88
CA ASN B 193 -2.28 3.21 24.00
C ASN B 193 -3.00 4.48 24.39
N MSE B 194 -4.03 4.84 23.63
CA MSE B 194 -4.87 5.97 23.92
C MSE B 194 -5.74 5.82 25.20
O MSE B 194 -6.03 4.74 25.70
CB MSE B 194 -5.73 6.30 22.69
CG MSE B 194 -4.95 6.52 21.42
SE MSE B 194 -3.56 7.92 21.61
CE MSE B 194 -2.36 7.51 20.13
N VAL B 195 -6.19 6.92 25.73
CA VAL B 195 -6.99 6.86 26.92
C VAL B 195 -8.19 5.95 26.70
N LEU B 196 -8.86 6.12 25.58
CA LEU B 196 -9.97 5.24 25.27
C LEU B 196 -9.74 3.79 25.73
N PHE B 197 -8.57 3.21 25.42
CA PHE B 197 -8.39 1.76 25.59
C PHE B 197 -7.70 1.49 26.87
N GLN B 198 -6.95 2.45 27.31
CA GLN B 198 -6.16 2.26 28.47
C GLN B 198 -6.99 2.59 29.75
N LYS B 199 -8.05 3.41 29.66
CA LYS B 199 -8.83 3.77 30.86
C LYS B 199 -10.37 3.75 30.68
N ALA B 200 -10.90 4.32 29.60
CA ALA B 200 -12.36 4.37 29.51
C ALA B 200 -12.98 2.99 29.40
N LEU B 201 -12.56 2.22 28.40
CA LEU B 201 -13.17 0.90 28.14
C LEU B 201 -13.01 -0.10 29.31
N PRO B 202 -11.83 -0.14 29.90
CA PRO B 202 -11.78 -0.90 31.12
C PRO B 202 -12.80 -0.40 32.20
N ARG B 203 -13.15 0.89 32.22
CA ARG B 203 -14.01 1.45 33.24
C ARG B 203 -15.41 0.91 33.10
N SER B 204 -15.95 0.56 31.93
CA SER B 204 -16.98 1.26 31.17
C SER B 204 -17.19 1.15 29.64
N PRO B 205 -18.24 0.40 29.23
CA PRO B 205 -18.63 0.06 27.85
C PRO B 205 -19.06 1.26 27.05
N ASP B 206 -19.43 2.34 27.69
CA ASP B 206 -19.67 3.53 26.88
C ASP B 206 -19.51 4.75 27.72
N GLY B 207 -19.32 5.92 27.13
CA GLY B 207 -18.98 7.00 27.99
C GLY B 207 -18.73 8.26 27.24
N TYR B 208 -18.11 9.23 27.91
CA TYR B 208 -18.01 10.55 27.34
C TYR B 208 -17.16 11.50 28.17
N TYR B 209 -16.09 12.00 27.56
CA TYR B 209 -15.13 12.73 28.28
C TYR B 209 -14.26 13.48 27.33
N LEU B 210 -13.30 14.18 27.92
CA LEU B 210 -12.57 15.19 27.24
C LEU B 210 -11.18 14.61 27.02
N THR B 211 -10.69 14.65 25.79
CA THR B 211 -9.44 13.99 25.50
C THR B 211 -8.70 14.82 24.49
N VAL B 212 -7.47 14.41 24.21
CA VAL B 212 -6.69 14.98 23.14
C VAL B 212 -6.64 13.99 21.99
N SER B 213 -6.76 14.52 20.80
CA SER B 213 -6.85 13.65 19.67
C SER B 213 -5.48 13.18 19.08
N PRO B 214 -5.33 11.88 18.89
CA PRO B 214 -4.10 11.41 18.28
C PRO B 214 -4.04 11.84 16.80
N PHE B 215 -5.19 12.04 16.17
CA PHE B 215 -5.21 12.41 14.78
C PHE B 215 -4.74 13.83 14.54
N ASP B 216 -5.26 14.81 15.26
CA ASP B 216 -4.85 16.15 14.91
C ASP B 216 -4.38 16.92 16.09
N GLY B 217 -4.32 16.25 17.25
CA GLY B 217 -3.72 16.86 18.39
C GLY B 217 -4.61 17.88 19.07
N LEU B 218 -5.86 18.04 18.59
CA LEU B 218 -6.77 18.98 19.26
C LEU B 218 -7.50 18.37 20.46
N THR B 219 -8.07 19.23 21.30
CA THR B 219 -8.87 18.78 22.41
C THR B 219 -10.21 18.51 21.85
N LYS B 220 -10.77 17.37 22.18
CA LYS B 220 -12.05 16.99 21.67
C LYS B 220 -12.89 16.41 22.76
N TYR B 221 -14.21 16.55 22.62
CA TYR B 221 -15.09 15.76 23.47
C TYR B 221 -15.29 14.45 22.77
N LEU B 222 -15.15 13.35 23.49
CA LEU B 222 -15.23 12.06 22.87
C LEU B 222 -16.39 11.30 23.42
N ALA B 223 -17.20 10.75 22.55
CA ALA B 223 -18.26 9.88 23.05
C ALA B 223 -18.00 8.51 22.43
N TYR B 224 -17.93 7.45 23.23
CA TYR B 224 -17.56 6.16 22.68
C TYR B 224 -18.59 5.09 23.06
N ARG B 225 -18.63 3.97 22.34
CA ARG B 225 -19.53 2.94 22.75
C ARG B 225 -19.16 1.55 22.22
N ARG B 226 -19.14 0.52 23.06
CA ARG B 226 -18.90 -0.81 22.53
C ARG B 226 -20.02 -1.15 21.58
N VAL B 227 -19.74 -1.77 20.44
CA VAL B 227 -20.73 -2.36 19.55
C VAL B 227 -21.24 -3.70 20.13
N SER B 228 -22.56 -3.87 20.20
CA SER B 228 -23.14 -5.09 20.76
C SER B 228 -22.78 -6.27 19.94
N ARG B 229 -22.32 -7.33 20.62
CA ARG B 229 -22.22 -8.64 20.02
C ARG B 229 -20.99 -8.89 19.14
N TYR B 230 -20.24 -7.83 18.86
CA TYR B 230 -19.01 -7.94 18.08
C TYR B 230 -17.97 -7.11 18.79
N PRO B 231 -16.73 -7.56 18.82
CA PRO B 231 -15.75 -6.79 19.57
C PRO B 231 -15.25 -5.58 18.80
N LEU B 232 -16.09 -4.59 18.62
CA LEU B 232 -15.68 -3.34 17.99
C LEU B 232 -16.09 -2.18 18.89
N VAL B 233 -15.63 -0.96 18.61
CA VAL B 233 -16.02 0.19 19.41
C VAL B 233 -16.23 1.34 18.45
N VAL B 234 -17.25 2.17 18.67
CA VAL B 234 -17.41 3.34 17.80
C VAL B 234 -17.17 4.59 18.62
N THR B 235 -16.78 5.69 17.98
CA THR B 235 -16.58 6.95 18.70
C THR B 235 -17.05 8.12 17.84
N VAL B 236 -17.50 9.20 18.51
CA VAL B 236 -17.73 10.49 17.89
C VAL B 236 -16.92 11.45 18.72
N ALA B 237 -16.31 12.42 18.05
CA ALA B 237 -15.43 13.40 18.68
C ALA B 237 -15.79 14.75 18.10
N ARG B 238 -15.76 15.81 18.90
CA ARG B 238 -16.10 17.15 18.40
C ARG B 238 -15.06 18.00 19.04
N THR B 239 -14.47 18.90 18.28
CA THR B 239 -13.52 19.85 18.84
C THR B 239 -14.19 20.75 19.85
N GLU B 240 -13.55 20.91 21.00
CA GLU B 240 -14.07 21.78 22.03
C GLU B 240 -13.88 23.20 21.50
N ASP B 241 -14.81 24.07 21.82
CA ASP B 241 -14.71 25.43 21.30
C ASP B 241 -13.51 26.21 21.91
N SER B 242 -12.51 26.47 21.04
CA SER B 242 -11.07 26.79 21.35
C SER B 242 -10.06 26.12 20.37
N VAL B 243 -10.18 26.23 19.03
CA VAL B 243 -11.29 26.80 18.20
C VAL B 243 -11.54 28.33 18.27
N LEU B 244 -12.20 28.82 19.33
CA LEU B 244 -12.24 30.30 19.56
C LEU B 244 -10.84 30.82 20.00
N SER B 245 -9.79 30.33 19.32
CA SER B 245 -8.37 30.54 19.69
C SER B 245 -7.41 30.26 18.52
N GLY B 246 -7.61 29.12 17.84
CA GLY B 246 -6.69 28.63 16.78
C GLY B 246 -6.67 29.41 15.47
N TRP B 247 -7.09 30.68 15.56
CA TRP B 247 -7.18 31.61 14.43
C TRP B 247 -5.86 32.43 14.27
C1 MPD C . 4.13 3.55 1.64
C2 MPD C . 4.99 3.74 0.37
O2 MPD C . 4.45 5.01 -0.31
CM MPD C . 5.31 2.69 -0.69
C3 MPD C . 6.20 3.33 1.27
C4 MPD C . 6.74 1.84 1.27
O4 MPD C . 7.48 1.53 2.44
C5 MPD C . 5.93 0.55 1.17
C1 CIT D . 36.06 1.69 -22.67
O1 CIT D . 34.94 1.71 -22.13
O2 CIT D . 36.90 0.90 -22.22
C2 CIT D . 36.39 2.57 -23.85
C3 CIT D . 35.27 3.24 -24.69
O7 CIT D . 34.35 2.38 -25.43
C4 CIT D . 36.24 3.87 -25.70
C5 CIT D . 35.72 5.06 -26.46
O3 CIT D . 35.17 6.00 -25.85
O4 CIT D . 35.88 5.09 -27.70
C6 CIT D . 34.35 4.20 -23.87
O5 CIT D . 33.75 5.16 -24.44
O6 CIT D . 34.16 4.04 -22.61
C1 MPD E . -6.68 -14.16 0.80
C2 MPD E . -7.36 -12.81 1.03
O2 MPD E . -8.81 -13.01 0.73
CM MPD E . -6.77 -11.72 0.09
C3 MPD E . -7.12 -12.49 2.52
C4 MPD E . -5.70 -12.97 2.88
O4 MPD E . -4.72 -11.99 2.60
C5 MPD E . -5.48 -13.42 4.33
C1 CIT F . -18.91 6.36 33.21
O1 CIT F . -18.89 6.88 32.08
O2 CIT F . -17.82 6.21 33.81
C2 CIT F . -20.27 5.96 33.77
C3 CIT F . -21.42 6.35 32.82
O7 CIT F . -22.66 5.82 33.34
C4 CIT F . -21.34 6.05 31.31
C5 CIT F . -20.97 4.61 31.11
O3 CIT F . -21.80 3.75 30.69
O4 CIT F . -19.81 4.27 31.40
C6 CIT F . -21.56 7.84 32.76
O5 CIT F . -22.59 8.37 33.24
O6 CIT F . -20.62 8.47 32.18
#